data_4UIJ
#
_entry.id   4UIJ
#
_cell.length_a   49.450
_cell.length_b   58.830
_cell.length_c   87.170
_cell.angle_alpha   90.00
_cell.angle_beta   105.41
_cell.angle_gamma   90.00
#
_symmetry.space_group_name_H-M   'P 1 21 1'
#
loop_
_entity.id
_entity.type
_entity.pdbx_description
1 polymer 'BTB/POZ DOMAIN-CONTAINING ADAPTER FOR CUL3-MEDIATED RHOA DEGRADATION PROTEIN 1'
2 non-polymer 'CHLORIDE ION'
3 water water
#
_entity_poly.entity_id   1
_entity_poly.type   'polypeptide(L)'
_entity_poly.pdbx_seq_one_letter_code
;MHHHHHHSSGVDLGTENLYFQSMGPAAYGLKPLTPNSKYVKLNVGGSLHYTTLRTLTGQDTMLKAMFSGRVEVLTDAGGW
VLIDRSGRHFGTILNYLRDGSVPLPESTRELGELLGEARYYLVQGLIEDCQLALQQKRETL
;
_entity_poly.pdbx_strand_id   A,B,C,D
#
loop_
_chem_comp.id
_chem_comp.type
_chem_comp.name
_chem_comp.formula
CL non-polymer 'CHLORIDE ION' 'Cl -1'
#
# COMPACT_ATOMS: atom_id res chain seq x y z
N SER A 37 -1.83 -9.25 -21.81
CA SER A 37 -2.00 -9.96 -20.55
C SER A 37 -0.66 -10.50 -20.03
N LYS A 38 0.43 -9.86 -20.42
CA LYS A 38 1.75 -10.22 -19.92
C LYS A 38 1.93 -9.55 -18.56
N TYR A 39 2.31 -10.31 -17.55
CA TYR A 39 2.40 -9.80 -16.18
C TYR A 39 3.83 -9.47 -15.76
N VAL A 40 3.94 -8.59 -14.76
CA VAL A 40 5.24 -8.17 -14.24
C VAL A 40 5.16 -8.05 -12.73
N LYS A 41 6.22 -8.46 -12.04
CA LYS A 41 6.29 -8.34 -10.58
C LYS A 41 7.48 -7.46 -10.20
N LEU A 42 7.19 -6.43 -9.41
CA LEU A 42 8.18 -5.42 -9.04
C LEU A 42 8.45 -5.41 -7.54
N ASN A 43 9.71 -5.23 -7.19
CA ASN A 43 10.13 -5.07 -5.81
C ASN A 43 10.60 -3.63 -5.59
N VAL A 44 9.70 -2.79 -5.13
CA VAL A 44 9.98 -1.37 -4.91
C VAL A 44 10.35 -1.11 -3.46
N GLY A 45 11.64 -1.22 -3.15
CA GLY A 45 12.14 -0.99 -1.82
C GLY A 45 11.55 -1.91 -0.77
N GLY A 46 11.31 -3.16 -1.15
CA GLY A 46 10.76 -4.15 -0.23
C GLY A 46 9.26 -4.30 -0.39
N SER A 47 8.64 -3.31 -1.03
CA SER A 47 7.21 -3.36 -1.31
C SER A 47 6.94 -4.19 -2.56
N LEU A 48 6.22 -5.30 -2.39
CA LEU A 48 5.98 -6.23 -3.49
C LEU A 48 4.71 -5.90 -4.25
N HIS A 49 4.81 -5.83 -5.58
CA HIS A 49 3.70 -5.45 -6.43
C HIS A 49 3.60 -6.34 -7.65
N TYR A 50 2.36 -6.65 -8.03
CA TYR A 50 2.06 -7.41 -9.24
C TYR A 50 1.25 -6.51 -10.17
N THR A 51 1.68 -6.41 -11.42
CA THR A 51 1.00 -5.58 -12.41
C THR A 51 1.22 -6.09 -13.83
N THR A 52 0.48 -5.52 -14.77
CA THR A 52 0.59 -5.91 -16.18
C THR A 52 1.62 -5.03 -16.89
N LEU A 53 2.13 -5.53 -18.01
CA LEU A 53 3.10 -4.79 -18.81
C LEU A 53 2.49 -3.56 -19.50
N ARG A 54 1.22 -3.67 -19.90
CA ARG A 54 0.54 -2.57 -20.58
C ARG A 54 0.45 -1.33 -19.69
N THR A 55 0.17 -1.56 -18.40
CA THR A 55 0.06 -0.46 -17.45
C THR A 55 1.39 0.27 -17.35
N LEU A 56 2.48 -0.51 -17.34
CA LEU A 56 3.81 0.05 -17.18
C LEU A 56 4.28 0.78 -18.43
N THR A 57 3.61 0.52 -19.55
CA THR A 57 3.95 1.14 -20.83
C THR A 57 2.76 1.88 -21.44
N GLY A 58 1.76 2.17 -20.61
CA GLY A 58 0.56 2.83 -21.08
C GLY A 58 0.72 4.33 -21.21
N GLN A 59 1.71 4.88 -20.50
CA GLN A 59 2.00 6.30 -20.53
C GLN A 59 3.50 6.54 -20.72
N ASP A 60 3.84 7.71 -21.20
CA ASP A 60 5.23 8.08 -21.43
C ASP A 60 5.92 8.41 -20.09
N THR A 61 6.40 7.36 -19.42
CA THR A 61 7.05 7.50 -18.12
C THR A 61 8.40 6.81 -18.12
N MET A 62 9.12 6.93 -17.00
CA MET A 62 10.42 6.28 -16.88
C MET A 62 10.21 4.77 -16.77
N LEU A 63 9.06 4.37 -16.27
CA LEU A 63 8.72 2.96 -16.14
C LEU A 63 8.52 2.32 -17.52
N LYS A 64 7.97 3.09 -18.45
CA LYS A 64 7.83 2.62 -19.83
C LYS A 64 9.21 2.38 -20.44
N ALA A 65 10.18 3.19 -20.03
CA ALA A 65 11.54 3.07 -20.53
C ALA A 65 12.19 1.79 -20.03
N MET A 66 11.91 1.43 -18.78
CA MET A 66 12.45 0.22 -18.19
C MET A 66 12.02 -1.03 -18.97
N PHE A 67 10.72 -1.11 -19.24
CA PHE A 67 10.13 -2.32 -19.80
C PHE A 67 9.96 -2.22 -21.31
N SER A 68 10.86 -1.48 -21.95
CA SER A 68 10.97 -1.47 -23.41
C SER A 68 12.44 -1.61 -23.83
N GLY A 69 13.33 -1.69 -22.85
CA GLY A 69 14.73 -1.96 -23.11
C GLY A 69 15.51 -0.71 -23.53
N ARG A 70 15.31 0.38 -22.81
CA ARG A 70 16.01 1.63 -23.11
C ARG A 70 16.96 1.98 -21.97
N VAL A 71 16.73 1.38 -20.81
CA VAL A 71 17.56 1.60 -19.63
C VAL A 71 17.87 0.25 -18.98
N GLU A 72 19.04 0.13 -18.38
CA GLU A 72 19.43 -1.11 -17.71
C GLU A 72 18.65 -1.30 -16.41
N VAL A 73 17.98 -2.45 -16.29
CA VAL A 73 17.17 -2.79 -15.14
C VAL A 73 17.73 -4.03 -14.44
N LEU A 74 17.70 -4.00 -13.10
CA LEU A 74 18.25 -5.10 -12.31
C LEU A 74 17.13 -6.00 -11.78
N THR A 75 17.39 -7.30 -11.79
CA THR A 75 16.43 -8.31 -11.39
C THR A 75 17.11 -9.35 -10.51
N ASP A 76 16.40 -9.85 -9.50
CA ASP A 76 16.97 -10.82 -8.57
C ASP A 76 16.67 -12.24 -9.03
N ALA A 77 17.13 -13.23 -8.26
CA ALA A 77 16.95 -14.63 -8.61
C ALA A 77 15.48 -15.00 -8.70
N GLY A 78 14.65 -14.36 -7.87
CA GLY A 78 13.23 -14.63 -7.86
C GLY A 78 12.52 -14.12 -9.09
N GLY A 79 13.20 -13.29 -9.87
CA GLY A 79 12.63 -12.71 -11.07
C GLY A 79 11.93 -11.39 -10.80
N TRP A 80 12.11 -10.86 -9.60
CA TRP A 80 11.50 -9.57 -9.24
C TRP A 80 12.34 -8.42 -9.77
N VAL A 81 11.66 -7.43 -10.35
CA VAL A 81 12.33 -6.22 -10.79
C VAL A 81 12.59 -5.33 -9.59
N LEU A 82 13.86 -5.10 -9.28
CA LEU A 82 14.25 -4.32 -8.12
C LEU A 82 14.27 -2.83 -8.43
N ILE A 83 13.68 -2.04 -7.54
CA ILE A 83 13.67 -0.59 -7.65
C ILE A 83 14.00 0.04 -6.30
N ASP A 84 15.02 0.90 -6.30
CA ASP A 84 15.49 1.53 -5.08
C ASP A 84 14.66 2.77 -4.75
N ARG A 85 13.38 2.55 -4.48
CA ARG A 85 12.47 3.62 -4.06
C ARG A 85 11.50 3.11 -3.01
N SER A 86 10.89 4.03 -2.28
CA SER A 86 9.85 3.65 -1.33
C SER A 86 8.60 3.24 -2.08
N GLY A 87 8.09 2.04 -1.78
CA GLY A 87 6.89 1.54 -2.42
C GLY A 87 5.63 1.96 -1.71
N ARG A 88 5.77 2.91 -0.78
CA ARG A 88 4.65 3.39 0.01
C ARG A 88 3.51 3.89 -0.87
N HIS A 89 3.87 4.64 -1.91
CA HIS A 89 2.89 5.25 -2.81
C HIS A 89 2.93 4.64 -4.19
N PHE A 90 3.71 3.58 -4.37
CA PHE A 90 3.90 2.99 -5.70
C PHE A 90 2.59 2.40 -6.23
N GLY A 91 1.77 1.86 -5.32
CA GLY A 91 0.48 1.35 -5.71
C GLY A 91 -0.39 2.47 -6.29
N THR A 92 -0.24 3.66 -5.71
CA THR A 92 -0.95 4.83 -6.19
C THR A 92 -0.48 5.21 -7.59
N ILE A 93 0.83 5.10 -7.82
CA ILE A 93 1.40 5.36 -9.13
C ILE A 93 0.77 4.44 -10.16
N LEU A 94 0.72 3.15 -9.85
CA LEU A 94 0.17 2.16 -10.78
C LEU A 94 -1.28 2.45 -11.12
N ASN A 95 -2.04 2.93 -10.13
CA ASN A 95 -3.43 3.28 -10.35
C ASN A 95 -3.56 4.44 -11.35
N TYR A 96 -2.61 5.37 -11.31
CA TYR A 96 -2.64 6.50 -12.22
C TYR A 96 -2.28 6.08 -13.64
N LEU A 97 -1.29 5.20 -13.77
CA LEU A 97 -0.91 4.70 -15.07
C LEU A 97 -2.04 3.86 -15.66
N ARG A 98 -2.76 3.18 -14.79
CA ARG A 98 -3.84 2.29 -15.18
C ARG A 98 -5.12 3.02 -15.54
N ASP A 99 -5.60 3.86 -14.63
CA ASP A 99 -6.89 4.50 -14.75
C ASP A 99 -6.79 5.90 -15.35
N GLY A 100 -5.60 6.48 -15.29
CA GLY A 100 -5.36 7.83 -15.80
C GLY A 100 -5.66 8.91 -14.79
N SER A 101 -6.15 8.50 -13.61
CA SER A 101 -6.42 9.45 -12.53
C SER A 101 -6.55 8.70 -11.22
N VAL A 102 -6.28 9.39 -10.11
CA VAL A 102 -6.33 8.78 -8.79
C VAL A 102 -6.71 9.84 -7.74
N PRO A 103 -7.52 9.44 -6.74
CA PRO A 103 -7.76 10.37 -5.62
C PRO A 103 -6.50 10.65 -4.81
N LEU A 104 -6.12 11.91 -4.70
CA LEU A 104 -4.87 12.29 -4.04
C LEU A 104 -5.05 12.33 -2.52
N PRO A 105 -3.95 12.14 -1.76
CA PRO A 105 -4.03 12.22 -0.30
C PRO A 105 -4.32 13.64 0.19
N GLU A 106 -4.58 13.79 1.49
CA GLU A 106 -5.03 15.06 2.04
C GLU A 106 -3.90 15.87 2.65
N SER A 107 -3.02 15.21 3.41
CA SER A 107 -1.94 15.91 4.10
C SER A 107 -0.89 16.43 3.14
N THR A 108 -0.27 17.55 3.49
CA THR A 108 0.77 18.16 2.65
C THR A 108 2.01 17.27 2.55
N ARG A 109 2.28 16.51 3.60
CA ARG A 109 3.44 15.62 3.60
C ARG A 109 3.27 14.50 2.57
N GLU A 110 2.14 13.80 2.63
CA GLU A 110 1.89 12.68 1.74
C GLU A 110 1.82 13.14 0.29
N LEU A 111 1.24 14.32 0.06
CA LEU A 111 1.22 14.90 -1.27
C LEU A 111 2.65 15.13 -1.73
N GLY A 112 3.50 15.56 -0.80
CA GLY A 112 4.90 15.76 -1.08
C GLY A 112 5.60 14.45 -1.37
N GLU A 113 5.29 13.43 -0.58
CA GLU A 113 5.87 12.10 -0.76
C GLU A 113 5.44 11.53 -2.11
N LEU A 114 4.16 11.69 -2.44
CA LEU A 114 3.63 11.22 -3.72
C LEU A 114 4.24 11.99 -4.88
N LEU A 115 4.32 13.31 -4.73
CA LEU A 115 4.89 14.18 -5.75
C LEU A 115 6.33 13.77 -6.06
N GLY A 116 7.08 13.41 -5.04
CA GLY A 116 8.46 12.99 -5.22
C GLY A 116 8.59 11.78 -6.11
N GLU A 117 7.74 10.77 -5.89
CA GLU A 117 7.77 9.56 -6.68
C GLU A 117 7.26 9.83 -8.10
N ALA A 118 6.24 10.66 -8.22
CA ALA A 118 5.67 11.00 -9.52
C ALA A 118 6.74 11.68 -10.38
N ARG A 119 7.61 12.43 -9.72
CA ARG A 119 8.73 13.10 -10.41
C ARG A 119 9.83 12.11 -10.76
N TYR A 120 10.06 11.14 -9.88
CA TYR A 120 11.07 10.14 -10.11
C TYR A 120 10.72 9.28 -11.33
N TYR A 121 9.47 8.84 -11.40
CA TYR A 121 9.01 8.00 -12.50
C TYR A 121 8.61 8.82 -13.73
N LEU A 122 8.70 10.14 -13.62
CA LEU A 122 8.40 11.04 -14.73
C LEU A 122 6.97 10.87 -15.23
N VAL A 123 6.02 10.84 -14.30
CA VAL A 123 4.60 10.75 -14.62
C VAL A 123 3.99 12.14 -14.67
N GLN A 124 4.07 12.76 -15.85
CA GLN A 124 3.71 14.16 -16.04
C GLN A 124 2.33 14.54 -15.49
N GLY A 125 1.32 13.74 -15.81
CA GLY A 125 -0.04 14.04 -15.39
C GLY A 125 -0.22 14.09 -13.88
N LEU A 126 0.41 13.14 -13.18
CA LEU A 126 0.30 13.04 -11.75
C LEU A 126 1.07 14.13 -11.02
N ILE A 127 2.22 14.51 -11.57
CA ILE A 127 3.02 15.60 -11.00
C ILE A 127 2.21 16.89 -10.97
N GLU A 128 1.52 17.17 -12.07
CA GLU A 128 0.73 18.39 -12.18
C GLU A 128 -0.40 18.39 -11.15
N ASP A 129 -1.12 17.28 -11.04
CA ASP A 129 -2.21 17.15 -10.08
C ASP A 129 -1.73 17.40 -8.65
N CYS A 130 -0.56 16.84 -8.33
CA CYS A 130 0.04 17.01 -7.01
C CYS A 130 0.47 18.45 -6.75
N GLN A 131 0.90 19.13 -7.81
CA GLN A 131 1.33 20.51 -7.71
C GLN A 131 0.14 21.42 -7.44
N LEU A 132 -0.95 21.19 -8.17
CA LEU A 132 -2.18 21.97 -7.98
C LEU A 132 -2.76 21.74 -6.59
N ALA A 133 -2.76 20.50 -6.14
CA ALA A 133 -3.27 20.17 -4.82
C ALA A 133 -2.45 20.86 -3.73
N LEU A 134 -1.15 20.99 -3.97
CA LEU A 134 -0.25 21.59 -2.98
C LEU A 134 -0.40 23.10 -2.92
N GLN A 135 -0.65 23.74 -4.06
CA GLN A 135 -0.82 25.19 -4.09
C GLN A 135 -2.19 25.56 -3.54
N GLN A 136 -3.15 24.66 -3.67
CA GLN A 136 -4.48 24.87 -3.09
C GLN A 136 -4.43 24.85 -1.56
N LYS A 137 -3.56 24.02 -1.00
CA LYS A 137 -3.38 23.98 0.46
C LYS A 137 -2.68 25.24 0.95
N ARG A 138 -1.88 25.84 0.07
CA ARG A 138 -1.20 27.10 0.38
C ARG A 138 -2.16 28.28 0.35
N GLU A 139 -3.40 28.03 -0.09
CA GLU A 139 -4.43 29.05 -0.15
C GLU A 139 -5.67 28.60 0.61
N THR A 140 -5.67 28.72 1.94
CA THR A 140 -4.55 29.25 2.70
C THR A 140 -4.64 28.82 4.16
N LYS B 38 11.86 -16.01 11.66
CA LYS B 38 11.24 -16.56 10.45
C LYS B 38 10.38 -15.51 9.75
N TYR B 39 10.43 -15.51 8.42
CA TYR B 39 9.70 -14.53 7.62
C TYR B 39 8.46 -15.18 7.05
N VAL B 40 7.48 -14.35 6.67
CA VAL B 40 6.23 -14.85 6.10
C VAL B 40 5.78 -13.98 4.94
N LYS B 41 5.25 -14.62 3.90
CA LYS B 41 4.74 -13.90 2.73
C LYS B 41 3.25 -14.16 2.59
N LEU B 42 2.47 -13.08 2.54
CA LEU B 42 1.02 -13.17 2.51
C LEU B 42 0.44 -12.58 1.22
N ASN B 43 -0.61 -13.24 0.71
CA ASN B 43 -1.36 -12.76 -0.43
C ASN B 43 -2.75 -12.33 0.02
N VAL B 44 -2.89 -11.04 0.33
CA VAL B 44 -4.13 -10.50 0.83
C VAL B 44 -4.95 -9.87 -0.30
N GLY B 45 -5.79 -10.69 -0.92
CA GLY B 45 -6.64 -10.24 -2.00
C GLY B 45 -5.89 -9.71 -3.20
N GLY B 46 -4.75 -10.33 -3.50
CA GLY B 46 -3.94 -9.94 -4.64
C GLY B 46 -2.83 -9.00 -4.24
N SER B 47 -2.96 -8.39 -3.06
CA SER B 47 -1.95 -7.51 -2.51
C SER B 47 -0.86 -8.32 -1.81
N LEU B 48 0.36 -8.25 -2.33
CA LEU B 48 1.46 -9.06 -1.81
C LEU B 48 2.22 -8.34 -0.70
N HIS B 49 2.42 -9.05 0.40
CA HIS B 49 3.07 -8.49 1.59
C HIS B 49 4.10 -9.45 2.17
N TYR B 50 5.20 -8.89 2.64
CA TYR B 50 6.25 -9.64 3.32
C TYR B 50 6.35 -9.13 4.75
N THR B 51 6.34 -10.04 5.71
CA THR B 51 6.44 -9.67 7.12
C THR B 51 7.05 -10.78 7.95
N THR B 52 7.37 -10.46 9.20
CA THR B 52 7.97 -11.42 10.11
C THR B 52 6.89 -12.14 10.91
N LEU B 53 7.25 -13.31 11.44
CA LEU B 53 6.35 -14.10 12.27
C LEU B 53 6.06 -13.41 13.59
N ARG B 54 7.05 -12.66 14.09
CA ARG B 54 6.93 -11.95 15.37
C ARG B 54 5.77 -10.96 15.33
N THR B 55 5.68 -10.23 14.24
CA THR B 55 4.66 -9.20 14.06
C THR B 55 3.26 -9.82 14.05
N LEU B 56 3.13 -10.95 13.36
CA LEU B 56 1.84 -11.60 13.19
C LEU B 56 1.34 -12.26 14.48
N THR B 57 2.25 -12.46 15.43
CA THR B 57 1.92 -13.12 16.69
C THR B 57 2.25 -12.23 17.89
N GLY B 58 2.42 -10.94 17.63
CA GLY B 58 2.79 -10.00 18.68
C GLY B 58 1.61 -9.56 19.52
N GLN B 59 0.41 -9.70 18.97
CA GLN B 59 -0.82 -9.32 19.68
C GLN B 59 -1.85 -10.44 19.57
N ASP B 60 -2.80 -10.45 20.50
CA ASP B 60 -3.84 -11.47 20.50
C ASP B 60 -4.86 -11.15 19.41
N THR B 61 -4.54 -11.59 18.19
CA THR B 61 -5.37 -11.32 17.01
C THR B 61 -5.66 -12.59 16.23
N MET B 62 -6.45 -12.45 15.17
CA MET B 62 -6.78 -13.58 14.30
C MET B 62 -5.55 -14.04 13.54
N LEU B 63 -4.63 -13.12 13.28
CA LEU B 63 -3.40 -13.44 12.57
C LEU B 63 -2.47 -14.29 13.44
N LYS B 64 -2.45 -14.01 14.73
CA LYS B 64 -1.68 -14.81 15.67
C LYS B 64 -2.21 -16.24 15.71
N ALA B 65 -3.52 -16.37 15.55
CA ALA B 65 -4.16 -17.68 15.56
C ALA B 65 -3.77 -18.50 14.33
N MET B 66 -3.67 -17.84 13.19
CA MET B 66 -3.30 -18.51 11.95
C MET B 66 -1.93 -19.15 12.06
N PHE B 67 -0.97 -18.37 12.54
CA PHE B 67 0.43 -18.76 12.53
C PHE B 67 0.86 -19.31 13.91
N SER B 68 -0.09 -19.96 14.58
CA SER B 68 0.20 -20.70 15.81
C SER B 68 -0.44 -22.09 15.77
N GLY B 69 -1.15 -22.39 14.69
CA GLY B 69 -1.72 -23.70 14.46
C GLY B 69 -3.05 -23.96 15.15
N ARG B 70 -3.92 -22.96 15.13
CA ARG B 70 -5.28 -23.07 15.68
C ARG B 70 -6.37 -22.91 14.61
N VAL B 71 -5.99 -22.39 13.45
CA VAL B 71 -6.93 -22.17 12.36
C VAL B 71 -6.37 -22.72 11.06
N GLU B 72 -7.24 -23.22 10.20
CA GLU B 72 -6.84 -23.76 8.91
C GLU B 72 -6.42 -22.65 7.96
N VAL B 73 -5.21 -22.77 7.41
CA VAL B 73 -4.66 -21.77 6.51
C VAL B 73 -4.40 -22.36 5.13
N LEU B 74 -4.74 -21.60 4.10
CA LEU B 74 -4.57 -22.05 2.72
C LEU B 74 -3.34 -21.42 2.08
N THR B 75 -2.62 -22.21 1.29
CA THR B 75 -1.40 -21.74 0.64
C THR B 75 -1.36 -22.23 -0.81
N ASP B 76 -0.86 -21.38 -1.71
CA ASP B 76 -0.77 -21.71 -3.12
C ASP B 76 0.60 -22.29 -3.46
N ALA B 77 0.81 -22.61 -4.73
CA ALA B 77 2.05 -23.23 -5.16
C ALA B 77 3.25 -22.34 -4.87
N GLY B 78 3.04 -21.02 -4.92
CA GLY B 78 4.10 -20.07 -4.64
C GLY B 78 4.49 -20.06 -3.17
N GLY B 79 3.66 -20.66 -2.34
CA GLY B 79 3.92 -20.72 -0.91
C GLY B 79 3.33 -19.52 -0.18
N TRP B 80 2.53 -18.74 -0.89
CA TRP B 80 1.91 -17.55 -0.33
C TRP B 80 0.67 -17.91 0.50
N VAL B 81 0.54 -17.29 1.66
CA VAL B 81 -0.65 -17.47 2.49
C VAL B 81 -1.80 -16.62 1.92
N LEU B 82 -2.84 -17.30 1.46
CA LEU B 82 -3.97 -16.62 0.82
C LEU B 82 -4.96 -16.14 1.87
N ILE B 83 -5.40 -14.89 1.73
CA ILE B 83 -6.40 -14.30 2.60
C ILE B 83 -7.42 -13.53 1.76
N ASP B 84 -8.69 -13.87 1.93
CA ASP B 84 -9.76 -13.29 1.11
C ASP B 84 -10.22 -11.95 1.66
N ARG B 85 -9.32 -10.96 1.66
CA ARG B 85 -9.65 -9.60 2.07
C ARG B 85 -8.90 -8.61 1.19
N SER B 86 -9.37 -7.37 1.16
CA SER B 86 -8.67 -6.31 0.44
C SER B 86 -7.39 -5.95 1.18
N GLY B 87 -6.27 -5.98 0.48
CA GLY B 87 -4.99 -5.65 1.07
C GLY B 87 -4.69 -4.16 0.99
N ARG B 88 -5.70 -3.37 0.64
CA ARG B 88 -5.55 -1.93 0.53
C ARG B 88 -5.05 -1.33 1.84
N HIS B 89 -5.58 -1.81 2.96
CA HIS B 89 -5.22 -1.31 4.28
C HIS B 89 -4.42 -2.33 5.09
N PHE B 90 -4.06 -3.45 4.49
CA PHE B 90 -3.38 -4.51 5.22
C PHE B 90 -2.00 -4.09 5.71
N GLY B 91 -1.31 -3.27 4.92
CA GLY B 91 -0.02 -2.75 5.32
C GLY B 91 -0.14 -1.92 6.59
N THR B 92 -1.26 -1.22 6.72
CA THR B 92 -1.54 -0.42 7.91
C THR B 92 -1.70 -1.32 9.13
N ILE B 93 -2.36 -2.47 8.93
CA ILE B 93 -2.54 -3.45 9.99
C ILE B 93 -1.19 -3.92 10.52
N LEU B 94 -0.29 -4.30 9.62
CA LEU B 94 1.01 -4.82 9.99
C LEU B 94 1.80 -3.79 10.79
N ASN B 95 1.67 -2.52 10.42
CA ASN B 95 2.35 -1.45 11.15
C ASN B 95 1.87 -1.37 12.59
N TYR B 96 0.58 -1.62 12.80
CA TYR B 96 0.02 -1.56 14.15
C TYR B 96 0.47 -2.73 15.00
N LEU B 97 0.52 -3.93 14.41
CA LEU B 97 0.98 -5.11 15.12
C LEU B 97 2.45 -4.97 15.47
N ARG B 98 3.18 -4.28 14.59
CA ARG B 98 4.62 -4.10 14.75
C ARG B 98 4.96 -3.02 15.76
N ASP B 99 4.40 -1.83 15.56
CA ASP B 99 4.77 -0.66 16.35
C ASP B 99 3.81 -0.42 17.52
N GLY B 100 2.62 -1.01 17.45
CA GLY B 100 1.62 -0.84 18.48
C GLY B 100 0.77 0.40 18.28
N SER B 101 1.06 1.16 17.22
CA SER B 101 0.29 2.34 16.89
C SER B 101 0.53 2.75 15.45
N VAL B 102 -0.42 3.44 14.86
CA VAL B 102 -0.31 3.86 13.46
C VAL B 102 -1.08 5.17 13.24
N PRO B 103 -0.53 6.08 12.41
CA PRO B 103 -1.31 7.27 12.03
C PRO B 103 -2.54 6.90 11.21
N LEU B 104 -3.72 7.30 11.69
CA LEU B 104 -4.97 6.93 11.06
C LEU B 104 -5.27 7.84 9.87
N PRO B 105 -6.05 7.34 8.88
CA PRO B 105 -6.44 8.19 7.75
C PRO B 105 -7.39 9.30 8.19
N GLU B 106 -7.68 10.24 7.30
CA GLU B 106 -8.45 11.42 7.66
C GLU B 106 -9.91 11.27 7.29
N SER B 107 -10.18 10.75 6.10
CA SER B 107 -11.55 10.64 5.60
C SER B 107 -12.34 9.60 6.39
N THR B 108 -13.64 9.84 6.51
CA THR B 108 -14.53 8.93 7.21
C THR B 108 -14.62 7.58 6.49
N ARG B 109 -14.49 7.62 5.16
CA ARG B 109 -14.54 6.38 4.38
C ARG B 109 -13.35 5.49 4.71
N GLU B 110 -12.14 6.05 4.62
CA GLU B 110 -10.92 5.29 4.87
C GLU B 110 -10.88 4.78 6.31
N LEU B 111 -11.37 5.60 7.24
CA LEU B 111 -11.47 5.19 8.63
C LEU B 111 -12.40 3.99 8.75
N GLY B 112 -13.48 4.02 7.98
CA GLY B 112 -14.43 2.91 7.95
C GLY B 112 -13.82 1.66 7.34
N GLU B 113 -13.10 1.84 6.24
CA GLU B 113 -12.47 0.72 5.55
C GLU B 113 -11.43 0.05 6.43
N LEU B 114 -10.62 0.85 7.11
CA LEU B 114 -9.59 0.33 8.00
C LEU B 114 -10.21 -0.38 9.19
N LEU B 115 -11.23 0.24 9.78
CA LEU B 115 -11.94 -0.34 10.92
C LEU B 115 -12.53 -1.70 10.56
N GLY B 116 -13.07 -1.82 9.34
CA GLY B 116 -13.65 -3.07 8.89
C GLY B 116 -12.65 -4.20 8.89
N GLU B 117 -11.45 -3.92 8.38
CA GLU B 117 -10.38 -4.91 8.34
C GLU B 117 -9.87 -5.17 9.76
N ALA B 118 -9.79 -4.11 10.56
CA ALA B 118 -9.31 -4.24 11.93
C ALA B 118 -10.21 -5.18 12.73
N ARG B 119 -11.51 -5.16 12.45
CA ARG B 119 -12.45 -6.05 13.13
C ARG B 119 -12.34 -7.47 12.58
N TYR B 120 -12.04 -7.58 11.29
CA TYR B 120 -11.87 -8.88 10.67
C TYR B 120 -10.68 -9.62 11.27
N TYR B 121 -9.57 -8.91 11.44
CA TYR B 121 -8.35 -9.51 11.98
C TYR B 121 -8.36 -9.49 13.51
N LEU B 122 -9.42 -8.95 14.11
CA LEU B 122 -9.59 -8.93 15.56
C LEU B 122 -8.43 -8.19 16.25
N VAL B 123 -8.09 -7.01 15.73
CA VAL B 123 -7.05 -6.17 16.33
C VAL B 123 -7.69 -5.16 17.27
N GLN B 124 -7.91 -5.56 18.52
CA GLN B 124 -8.69 -4.79 19.48
C GLN B 124 -8.22 -3.34 19.61
N GLY B 125 -6.91 -3.14 19.75
CA GLY B 125 -6.36 -1.81 19.92
C GLY B 125 -6.65 -0.89 18.75
N LEU B 126 -6.54 -1.42 17.54
CA LEU B 126 -6.75 -0.62 16.34
C LEU B 126 -8.23 -0.31 16.13
N ILE B 127 -9.09 -1.26 16.50
CA ILE B 127 -10.53 -1.06 16.42
C ILE B 127 -10.96 0.14 17.26
N GLU B 128 -10.43 0.22 18.47
CA GLU B 128 -10.77 1.31 19.38
C GLU B 128 -10.32 2.67 18.83
N ASP B 129 -9.08 2.74 18.36
CA ASP B 129 -8.55 3.98 17.81
C ASP B 129 -9.39 4.49 16.64
N CYS B 130 -9.82 3.58 15.77
CA CYS B 130 -10.64 3.94 14.63
C CYS B 130 -12.02 4.42 15.06
N GLN B 131 -12.52 3.87 16.15
CA GLN B 131 -13.83 4.26 16.66
C GLN B 131 -13.81 5.67 17.23
N LEU B 132 -12.77 5.98 18.00
CA LEU B 132 -12.60 7.31 18.58
C LEU B 132 -12.43 8.37 17.50
N ALA B 133 -11.63 8.05 16.49
CA ALA B 133 -11.39 8.99 15.40
C ALA B 133 -12.69 9.26 14.64
N LEU B 134 -13.54 8.25 14.55
CA LEU B 134 -14.80 8.38 13.83
C LEU B 134 -15.82 9.20 14.61
N GLN B 135 -15.84 9.05 15.93
CA GLN B 135 -16.77 9.82 16.75
C GLN B 135 -16.29 11.26 16.89
N GLN B 136 -14.98 11.45 16.82
CA GLN B 136 -14.42 12.80 16.81
C GLN B 136 -14.80 13.48 15.50
N LYS B 137 -14.86 12.71 14.43
CA LYS B 137 -15.32 13.20 13.14
C LYS B 137 -16.82 13.44 13.17
N ARG B 138 -17.51 12.68 14.04
CA ARG B 138 -18.95 12.80 14.21
C ARG B 138 -19.32 14.05 14.99
N GLU B 139 -18.31 14.73 15.53
CA GLU B 139 -18.50 15.95 16.31
C GLU B 139 -17.67 17.11 15.74
N THR B 140 -18.17 17.77 14.70
CA THR B 140 -19.46 17.46 14.07
C THR B 140 -19.52 18.02 12.65
N LYS C 38 23.41 -5.33 -6.78
CA LYS C 38 24.09 -4.45 -5.84
C LYS C 38 23.12 -3.93 -4.78
N TYR C 39 22.11 -4.74 -4.46
CA TYR C 39 21.08 -4.36 -3.50
C TYR C 39 21.31 -4.95 -2.12
N VAL C 40 20.68 -4.32 -1.13
CA VAL C 40 20.78 -4.71 0.27
C VAL C 40 19.41 -4.64 0.89
N LYS C 41 19.11 -5.60 1.77
CA LYS C 41 17.82 -5.63 2.46
C LYS C 41 17.99 -5.53 3.97
N LEU C 42 17.29 -4.58 4.58
CA LEU C 42 17.43 -4.29 6.01
C LEU C 42 16.16 -4.61 6.79
N ASN C 43 16.35 -5.16 7.99
CA ASN C 43 15.26 -5.42 8.92
C ASN C 43 15.40 -4.52 10.14
N VAL C 44 14.75 -3.36 10.09
CA VAL C 44 14.83 -2.37 11.16
C VAL C 44 13.63 -2.50 12.10
N GLY C 45 13.76 -3.34 13.12
CA GLY C 45 12.70 -3.54 14.08
C GLY C 45 11.43 -4.08 13.46
N GLY C 46 11.58 -4.98 12.49
CA GLY C 46 10.45 -5.59 11.83
C GLY C 46 10.08 -4.91 10.53
N SER C 47 10.59 -3.69 10.35
CA SER C 47 10.35 -2.94 9.12
C SER C 47 11.32 -3.40 8.03
N LEU C 48 10.77 -3.98 6.97
CA LEU C 48 11.58 -4.57 5.90
C LEU C 48 11.80 -3.59 4.75
N HIS C 49 13.07 -3.42 4.36
CA HIS C 49 13.45 -2.47 3.32
C HIS C 49 14.48 -3.04 2.36
N TYR C 50 14.36 -2.67 1.09
CA TYR C 50 15.34 -3.01 0.05
C TYR C 50 15.96 -1.73 -0.47
N THR C 51 17.29 -1.68 -0.55
CA THR C 51 17.95 -0.51 -1.11
C THR C 51 19.31 -0.89 -1.69
N THR C 52 19.91 0.05 -2.43
CA THR C 52 21.20 -0.19 -3.06
C THR C 52 22.34 0.26 -2.15
N LEU C 53 23.53 -0.26 -2.44
CA LEU C 53 24.72 0.09 -1.69
C LEU C 53 25.07 1.56 -1.91
N ARG C 54 24.78 2.06 -3.10
CA ARG C 54 25.06 3.45 -3.44
C ARG C 54 24.30 4.40 -2.52
N THR C 55 23.03 4.10 -2.28
CA THR C 55 22.20 4.92 -1.42
C THR C 55 22.71 4.90 0.02
N LEU C 56 23.11 3.72 0.49
CA LEU C 56 23.56 3.56 1.87
C LEU C 56 24.93 4.18 2.10
N THR C 57 25.66 4.44 1.02
CA THR C 57 27.01 4.97 1.11
C THR C 57 27.15 6.30 0.37
N GLY C 58 26.03 6.93 0.06
CA GLY C 58 26.02 8.18 -0.67
C GLY C 58 26.29 9.40 0.20
N GLN C 59 26.07 9.25 1.51
CA GLN C 59 26.28 10.34 2.45
C GLN C 59 27.07 9.81 3.65
N ASP C 60 27.76 10.71 4.35
CA ASP C 60 28.53 10.30 5.52
C ASP C 60 27.61 10.09 6.72
N THR C 61 27.06 8.88 6.82
CA THR C 61 26.13 8.52 7.89
C THR C 61 26.60 7.25 8.57
N MET C 62 25.87 6.82 9.59
CA MET C 62 26.20 5.58 10.29
C MET C 62 25.96 4.39 9.37
N LEU C 63 25.04 4.57 8.43
CA LEU C 63 24.73 3.51 7.47
C LEU C 63 25.89 3.31 6.51
N LYS C 64 26.57 4.39 6.14
CA LYS C 64 27.75 4.29 5.30
C LYS C 64 28.85 3.54 6.05
N ALA C 65 28.88 3.72 7.37
CA ALA C 65 29.87 3.05 8.19
C ALA C 65 29.62 1.56 8.24
N MET C 66 28.35 1.17 8.32
CA MET C 66 27.98 -0.24 8.34
C MET C 66 28.41 -0.95 7.07
N PHE C 67 28.06 -0.35 5.93
CA PHE C 67 28.25 -1.00 4.64
C PHE C 67 29.51 -0.54 3.93
N SER C 68 30.53 -0.17 4.72
CA SER C 68 31.86 0.10 4.20
C SER C 68 32.91 -0.58 5.09
N GLY C 69 32.45 -1.27 6.13
CA GLY C 69 33.34 -2.05 6.98
C GLY C 69 34.01 -1.24 8.07
N ARG C 70 33.25 -0.38 8.74
CA ARG C 70 33.76 0.42 9.85
C ARG C 70 33.09 0.01 11.15
N VAL C 71 31.94 -0.66 11.04
CA VAL C 71 31.17 -1.10 12.19
C VAL C 71 30.71 -2.55 12.02
N GLU C 72 30.56 -3.25 13.13
CA GLU C 72 30.08 -4.63 13.12
C GLU C 72 28.61 -4.65 12.75
N VAL C 73 28.26 -5.45 11.75
CA VAL C 73 26.90 -5.52 11.24
C VAL C 73 26.33 -6.91 11.51
N LEU C 74 25.05 -6.95 11.90
CA LEU C 74 24.40 -8.19 12.27
C LEU C 74 23.52 -8.69 11.11
N THR C 75 23.55 -10.01 10.86
CA THR C 75 22.80 -10.60 9.75
C THR C 75 22.14 -11.92 10.12
N ASP C 76 20.92 -12.14 9.64
CA ASP C 76 20.20 -13.39 9.90
C ASP C 76 20.32 -14.36 8.72
N ALA C 77 19.69 -15.53 8.85
CA ALA C 77 19.76 -16.55 7.81
C ALA C 77 19.17 -16.05 6.50
N GLY C 78 18.18 -15.17 6.59
CA GLY C 78 17.52 -14.62 5.43
C GLY C 78 18.38 -13.66 4.63
N GLY C 79 19.50 -13.23 5.20
CA GLY C 79 20.39 -12.30 4.55
C GLY C 79 20.03 -10.85 4.86
N TRP C 80 19.12 -10.67 5.81
CA TRP C 80 18.69 -9.34 6.23
C TRP C 80 19.66 -8.72 7.22
N VAL C 81 19.94 -7.43 7.03
CA VAL C 81 20.72 -6.64 7.98
C VAL C 81 19.82 -6.20 9.13
N LEU C 82 20.09 -6.70 10.34
CA LEU C 82 19.25 -6.39 11.50
C LEU C 82 19.70 -5.11 12.22
N ILE C 83 18.73 -4.28 12.57
CA ILE C 83 18.96 -3.07 13.34
C ILE C 83 17.90 -2.97 14.43
N ASP C 84 18.34 -2.85 15.68
CA ASP C 84 17.43 -2.82 16.82
C ASP C 84 16.87 -1.42 17.05
N ARG C 85 16.07 -0.95 16.10
CA ARG C 85 15.40 0.34 16.18
C ARG C 85 14.01 0.22 15.59
N SER C 86 13.13 1.16 15.94
CA SER C 86 11.82 1.21 15.32
C SER C 86 11.97 1.66 13.87
N GLY C 87 11.40 0.88 12.96
CA GLY C 87 11.45 1.20 11.54
C GLY C 87 10.31 2.10 11.14
N ARG C 88 9.65 2.68 12.13
CA ARG C 88 8.52 3.57 11.92
C ARG C 88 8.89 4.72 10.99
N HIS C 89 10.08 5.30 11.21
CA HIS C 89 10.55 6.43 10.42
C HIS C 89 11.74 6.08 9.53
N PHE C 90 12.13 4.81 9.49
CA PHE C 90 13.32 4.42 8.76
C PHE C 90 13.15 4.61 7.26
N GLY C 91 11.94 4.38 6.76
CA GLY C 91 11.66 4.59 5.35
C GLY C 91 11.89 6.03 4.97
N THR C 92 11.59 6.93 5.90
CA THR C 92 11.82 8.35 5.71
C THR C 92 13.33 8.64 5.61
N ILE C 93 14.10 7.97 6.45
CA ILE C 93 15.56 8.09 6.42
C ILE C 93 16.10 7.69 5.05
N LEU C 94 15.66 6.53 4.57
CA LEU C 94 16.13 6.01 3.28
C LEU C 94 15.78 6.98 2.16
N ASN C 95 14.60 7.60 2.26
CA ASN C 95 14.18 8.57 1.26
C ASN C 95 15.12 9.77 1.21
N TYR C 96 15.65 10.16 2.36
CA TYR C 96 16.58 11.28 2.41
C TYR C 96 17.91 10.91 1.78
N LEU C 97 18.36 9.69 2.03
CA LEU C 97 19.59 9.20 1.42
C LEU C 97 19.44 9.08 -0.09
N ARG C 98 18.22 8.81 -0.54
CA ARG C 98 17.96 8.67 -1.97
C ARG C 98 17.90 10.04 -2.66
N ASP C 99 17.05 10.91 -2.14
CA ASP C 99 16.77 12.20 -2.78
C ASP C 99 17.59 13.37 -2.25
N GLY C 100 18.11 13.25 -1.04
CA GLY C 100 18.85 14.34 -0.42
C GLY C 100 17.91 15.31 0.28
N SER C 101 16.61 15.03 0.21
CA SER C 101 15.59 15.84 0.85
C SER C 101 14.32 15.02 1.02
N VAL C 102 13.50 15.41 1.98
CA VAL C 102 12.27 14.66 2.30
C VAL C 102 11.15 15.57 2.81
N PRO C 103 9.90 15.29 2.42
CA PRO C 103 8.81 16.04 3.05
C PRO C 103 8.72 15.72 4.54
N LEU C 104 8.87 16.75 5.37
CA LEU C 104 8.92 16.55 6.82
C LEU C 104 7.54 16.40 7.40
N PRO C 105 7.43 15.73 8.55
CA PRO C 105 6.11 15.59 9.17
C PRO C 105 5.55 16.92 9.64
N GLU C 106 4.28 16.92 10.04
CA GLU C 106 3.55 18.14 10.32
C GLU C 106 3.52 18.44 11.82
N SER C 107 3.22 17.41 12.61
CA SER C 107 3.11 17.58 14.05
C SER C 107 4.48 17.75 14.69
N THR C 108 4.55 18.52 15.77
CA THR C 108 5.79 18.72 16.49
C THR C 108 6.26 17.40 17.09
N ARG C 109 5.30 16.53 17.40
CA ARG C 109 5.60 15.22 17.96
C ARG C 109 6.36 14.38 16.94
N GLU C 110 5.83 14.28 15.73
CA GLU C 110 6.43 13.49 14.67
C GLU C 110 7.82 14.00 14.29
N LEU C 111 7.99 15.32 14.27
CA LEU C 111 9.28 15.92 14.00
C LEU C 111 10.32 15.50 15.02
N GLY C 112 9.90 15.42 16.28
CA GLY C 112 10.79 14.98 17.35
C GLY C 112 11.22 13.55 17.13
N GLU C 113 10.26 12.70 16.75
CA GLU C 113 10.55 11.29 16.50
C GLU C 113 11.50 11.14 15.31
N LEU C 114 11.23 11.88 14.23
CA LEU C 114 12.05 11.83 13.04
C LEU C 114 13.45 12.35 13.30
N LEU C 115 13.53 13.48 14.01
CA LEU C 115 14.80 14.09 14.37
C LEU C 115 15.65 13.11 15.19
N GLY C 116 14.99 12.39 16.09
CA GLY C 116 15.65 11.42 16.93
C GLY C 116 16.35 10.33 16.12
N GLU C 117 15.65 9.80 15.12
CA GLU C 117 16.20 8.77 14.27
C GLU C 117 17.31 9.33 13.38
N ALA C 118 17.10 10.55 12.89
CA ALA C 118 18.09 11.21 12.04
C ALA C 118 19.40 11.41 12.81
N ARG C 119 19.28 11.65 14.11
CA ARG C 119 20.47 11.81 14.96
C ARG C 119 21.10 10.45 15.26
N TYR C 120 20.26 9.42 15.37
CA TYR C 120 20.76 8.07 15.60
C TYR C 120 21.58 7.59 14.41
N TYR C 121 21.08 7.80 13.20
CA TYR C 121 21.76 7.38 12.00
C TYR C 121 22.76 8.44 11.53
N LEU C 122 22.85 9.54 12.27
CA LEU C 122 23.82 10.59 12.00
C LEU C 122 23.66 11.18 10.61
N VAL C 123 22.43 11.50 10.22
CA VAL C 123 22.16 12.13 8.94
C VAL C 123 22.05 13.64 9.13
N GLN C 124 23.17 14.34 9.11
CA GLN C 124 23.23 15.78 9.43
C GLN C 124 22.25 16.62 8.64
N GLY C 125 22.18 16.39 7.33
CA GLY C 125 21.32 17.17 6.47
C GLY C 125 19.88 17.06 6.92
N LEU C 126 19.46 15.86 7.31
CA LEU C 126 18.09 15.65 7.78
C LEU C 126 17.94 16.22 9.19
N ILE C 127 18.98 16.10 10.01
CA ILE C 127 18.98 16.66 11.36
C ILE C 127 18.79 18.18 11.27
N GLU C 128 19.50 18.80 10.34
CA GLU C 128 19.40 20.24 10.15
C GLU C 128 17.99 20.63 9.72
N ASP C 129 17.46 19.93 8.71
CA ASP C 129 16.13 20.21 8.20
C ASP C 129 15.06 20.07 9.29
N CYS C 130 15.18 19.03 10.11
CA CYS C 130 14.21 18.81 11.19
C CYS C 130 14.30 19.91 12.23
N GLN C 131 15.51 20.42 12.45
CA GLN C 131 15.73 21.47 13.43
C GLN C 131 15.14 22.79 12.95
N LEU C 132 15.32 23.11 11.68
CA LEU C 132 14.75 24.33 11.11
C LEU C 132 13.24 24.31 11.19
N ALA C 133 12.65 23.16 10.85
CA ALA C 133 11.20 23.00 10.87
C ALA C 133 10.64 23.14 12.28
N LEU C 134 11.41 22.70 13.27
CA LEU C 134 10.95 22.74 14.66
C LEU C 134 10.95 24.15 15.24
N GLN C 135 11.94 24.96 14.89
CA GLN C 135 11.99 26.33 15.39
C GLN C 135 10.99 27.19 14.63
N GLN C 136 10.70 26.80 13.40
CA GLN C 136 9.66 27.46 12.62
C GLN C 136 8.30 27.18 13.25
N LYS C 137 8.16 26.01 13.84
CA LYS C 137 6.95 25.64 14.54
C LYS C 137 6.82 26.42 15.85
N ARG C 138 7.95 26.86 16.41
CA ARG C 138 7.94 27.62 17.65
C ARG C 138 7.44 29.04 17.41
N GLU C 139 7.30 29.42 16.14
CA GLU C 139 6.82 30.74 15.76
C GLU C 139 5.60 30.65 14.84
N LYS D 38 -9.47 -23.06 -3.51
CA LYS D 38 -10.81 -22.59 -3.84
C LYS D 38 -10.82 -21.10 -4.14
N TYR D 39 -9.66 -20.58 -4.55
CA TYR D 39 -9.49 -19.16 -4.87
C TYR D 39 -9.53 -18.90 -6.37
N VAL D 40 -9.81 -17.64 -6.70
CA VAL D 40 -9.91 -17.18 -8.08
C VAL D 40 -9.21 -15.84 -8.20
N LYS D 41 -8.53 -15.64 -9.32
CA LYS D 41 -7.83 -14.39 -9.57
C LYS D 41 -8.39 -13.70 -10.81
N LEU D 42 -8.77 -12.43 -10.64
CA LEU D 42 -9.43 -11.67 -11.71
C LEU D 42 -8.57 -10.50 -12.18
N ASN D 43 -8.60 -10.26 -13.49
CA ASN D 43 -7.94 -9.12 -14.11
C ASN D 43 -8.99 -8.16 -14.64
N VAL D 44 -9.37 -7.18 -13.82
CA VAL D 44 -10.40 -6.22 -14.18
C VAL D 44 -9.77 -4.92 -14.69
N GLY D 45 -9.52 -4.86 -16.01
CA GLY D 45 -8.96 -3.68 -16.62
C GLY D 45 -7.59 -3.31 -16.07
N GLY D 46 -6.78 -4.32 -15.78
CA GLY D 46 -5.44 -4.11 -15.27
C GLY D 46 -5.37 -4.22 -13.76
N SER D 47 -6.53 -4.12 -13.11
CA SER D 47 -6.61 -4.26 -11.65
C SER D 47 -6.65 -5.74 -11.27
N LEU D 48 -5.62 -6.19 -10.56
CA LEU D 48 -5.46 -7.59 -10.21
C LEU D 48 -6.04 -7.89 -8.83
N HIS D 49 -6.86 -8.93 -8.74
CA HIS D 49 -7.54 -9.29 -7.50
C HIS D 49 -7.54 -10.79 -7.25
N TYR D 50 -7.41 -11.17 -5.98
CA TYR D 50 -7.53 -12.57 -5.55
C TYR D 50 -8.73 -12.69 -4.64
N THR D 51 -9.60 -13.66 -4.91
CA THR D 51 -10.77 -13.87 -4.05
C THR D 51 -11.20 -15.32 -4.12
N THR D 52 -12.10 -15.71 -3.21
CA THR D 52 -12.60 -17.07 -3.14
C THR D 52 -13.87 -17.25 -3.95
N LEU D 53 -14.18 -18.50 -4.27
CA LEU D 53 -15.39 -18.84 -5.00
C LEU D 53 -16.59 -18.53 -4.12
N ARG D 54 -16.40 -18.66 -2.81
CA ARG D 54 -17.43 -18.37 -1.83
C ARG D 54 -17.92 -16.93 -1.93
N THR D 55 -16.96 -16.00 -2.02
CA THR D 55 -17.27 -14.58 -2.13
C THR D 55 -17.99 -14.27 -3.43
N LEU D 56 -17.52 -14.87 -4.52
CA LEU D 56 -18.05 -14.59 -5.85
C LEU D 56 -19.43 -15.18 -6.08
N THR D 57 -19.82 -16.14 -5.25
CA THR D 57 -21.10 -16.82 -5.39
C THR D 57 -21.98 -16.69 -4.15
N GLY D 58 -21.64 -15.75 -3.28
CA GLY D 58 -22.37 -15.56 -2.03
C GLY D 58 -23.63 -14.74 -2.17
N GLN D 59 -23.71 -13.93 -3.23
CA GLN D 59 -24.86 -13.08 -3.48
C GLN D 59 -25.33 -13.22 -4.92
N ASP D 60 -26.59 -12.87 -5.17
CA ASP D 60 -27.14 -12.96 -6.51
C ASP D 60 -26.64 -11.80 -7.37
N THR D 61 -25.46 -12.01 -7.96
CA THR D 61 -24.82 -11.01 -8.79
C THR D 61 -24.39 -11.64 -10.12
N MET D 62 -23.85 -10.82 -11.02
CA MET D 62 -23.38 -11.31 -12.29
C MET D 62 -22.13 -12.17 -12.11
N LEU D 63 -21.40 -11.90 -11.02
CA LEU D 63 -20.20 -12.65 -10.70
C LEU D 63 -20.57 -14.07 -10.30
N LYS D 64 -21.69 -14.22 -9.61
CA LYS D 64 -22.18 -15.55 -9.25
C LYS D 64 -22.52 -16.33 -10.51
N ALA D 65 -23.01 -15.62 -11.54
CA ALA D 65 -23.36 -16.25 -12.80
C ALA D 65 -22.12 -16.72 -13.54
N MET D 66 -21.05 -15.91 -13.51
CA MET D 66 -19.80 -16.28 -14.16
C MET D 66 -19.23 -17.57 -13.56
N PHE D 67 -19.15 -17.60 -12.24
CA PHE D 67 -18.48 -18.69 -11.54
C PHE D 67 -19.46 -19.73 -11.04
N SER D 68 -20.56 -19.89 -11.77
CA SER D 68 -21.50 -20.98 -11.56
C SER D 68 -21.87 -21.62 -12.89
N GLY D 69 -21.29 -21.09 -13.98
CA GLY D 69 -21.47 -21.68 -15.30
C GLY D 69 -22.76 -21.27 -15.98
N ARG D 70 -23.09 -19.98 -15.93
CA ARG D 70 -24.29 -19.46 -16.57
C ARG D 70 -23.94 -18.51 -17.72
N VAL D 71 -22.71 -18.00 -17.71
CA VAL D 71 -22.24 -17.07 -18.74
C VAL D 71 -20.84 -17.47 -19.20
N GLU D 72 -20.53 -17.17 -20.46
CA GLU D 72 -19.20 -17.45 -21.01
C GLU D 72 -18.18 -16.49 -20.41
N VAL D 73 -17.11 -17.06 -19.85
CA VAL D 73 -16.08 -16.29 -19.18
C VAL D 73 -14.72 -16.45 -19.88
N LEU D 74 -13.97 -15.36 -19.96
CA LEU D 74 -12.68 -15.37 -20.65
C LEU D 74 -11.51 -15.50 -19.68
N THR D 75 -10.51 -16.29 -20.08
CA THR D 75 -9.33 -16.53 -19.25
C THR D 75 -8.05 -16.52 -20.09
N ASP D 76 -6.98 -15.94 -19.55
CA ASP D 76 -5.70 -15.88 -20.25
C ASP D 76 -4.77 -17.01 -19.81
N ALA D 77 -3.57 -17.04 -20.39
CA ALA D 77 -2.60 -18.08 -20.11
C ALA D 77 -2.21 -18.08 -18.63
N GLY D 78 -2.21 -16.91 -18.03
CA GLY D 78 -1.85 -16.76 -16.63
C GLY D 78 -2.88 -17.35 -15.68
N GLY D 79 -4.06 -17.67 -16.22
CA GLY D 79 -5.14 -18.24 -15.43
C GLY D 79 -6.03 -17.17 -14.83
N TRP D 80 -5.84 -15.94 -15.25
CA TRP D 80 -6.63 -14.81 -14.77
C TRP D 80 -7.96 -14.72 -15.50
N VAL D 81 -9.03 -14.47 -14.76
CA VAL D 81 -10.35 -14.20 -15.34
C VAL D 81 -10.42 -12.75 -15.80
N LEU D 82 -10.54 -12.55 -17.11
CA LEU D 82 -10.54 -11.20 -17.68
C LEU D 82 -11.93 -10.56 -17.70
N ILE D 83 -11.97 -9.29 -17.30
CA ILE D 83 -13.20 -8.50 -17.35
C ILE D 83 -12.86 -7.13 -17.93
N ASP D 84 -13.56 -6.76 -19.00
CA ASP D 84 -13.28 -5.51 -19.70
C ASP D 84 -13.98 -4.34 -19.01
N ARG D 85 -13.56 -4.06 -17.78
CA ARG D 85 -14.11 -2.94 -17.01
C ARG D 85 -12.98 -2.26 -16.24
N SER D 86 -13.22 -1.02 -15.80
CA SER D 86 -12.27 -0.32 -14.96
C SER D 86 -12.27 -0.94 -13.57
N GLY D 87 -11.08 -1.30 -13.09
CA GLY D 87 -10.92 -1.90 -11.78
C GLY D 87 -10.75 -0.88 -10.68
N ARG D 88 -11.02 0.38 -10.98
CA ARG D 88 -10.92 1.46 -10.00
C ARG D 88 -11.78 1.17 -8.77
N HIS D 89 -13.01 0.71 -9.00
CA HIS D 89 -13.95 0.46 -7.91
C HIS D 89 -14.24 -1.02 -7.70
N PHE D 90 -13.54 -1.90 -8.41
CA PHE D 90 -13.83 -3.32 -8.33
C PHE D 90 -13.51 -3.90 -6.95
N GLY D 91 -12.47 -3.36 -6.33
CA GLY D 91 -12.12 -3.76 -4.96
C GLY D 91 -13.25 -3.44 -4.01
N THR D 92 -13.93 -2.34 -4.27
CA THR D 92 -15.08 -1.93 -3.46
C THR D 92 -16.21 -2.94 -3.62
N ILE D 93 -16.40 -3.41 -4.85
CA ILE D 93 -17.41 -4.42 -5.13
C ILE D 93 -17.14 -5.69 -4.33
N LEU D 94 -15.89 -6.16 -4.38
CA LEU D 94 -15.51 -7.39 -3.69
C LEU D 94 -15.70 -7.24 -2.18
N ASN D 95 -15.43 -6.05 -1.66
CA ASN D 95 -15.62 -5.81 -0.23
C ASN D 95 -17.08 -5.97 0.17
N TYR D 96 -17.98 -5.58 -0.72
CA TYR D 96 -19.41 -5.70 -0.43
C TYR D 96 -19.82 -7.16 -0.44
N LEU D 97 -19.28 -7.94 -1.37
CA LEU D 97 -19.57 -9.36 -1.45
C LEU D 97 -19.05 -10.09 -0.20
N ARG D 98 -17.97 -9.57 0.37
CA ARG D 98 -17.36 -10.18 1.54
C ARG D 98 -18.16 -9.85 2.81
N ASP D 99 -18.37 -8.56 3.05
CA ASP D 99 -18.97 -8.10 4.31
C ASP D 99 -20.47 -7.87 4.20
N GLY D 100 -20.98 -7.70 2.99
CA GLY D 100 -22.39 -7.40 2.79
C GLY D 100 -22.67 -5.92 2.93
N SER D 101 -21.61 -5.15 3.20
CA SER D 101 -21.72 -3.70 3.34
C SER D 101 -20.34 -3.07 3.17
N VAL D 102 -20.33 -1.79 2.79
CA VAL D 102 -19.08 -1.09 2.52
C VAL D 102 -19.22 0.40 2.86
N PRO D 103 -18.17 1.01 3.43
CA PRO D 103 -18.22 2.46 3.59
C PRO D 103 -18.27 3.17 2.24
N LEU D 104 -19.31 3.95 2.01
CA LEU D 104 -19.54 4.57 0.72
C LEU D 104 -18.68 5.83 0.55
N PRO D 105 -18.39 6.19 -0.70
CA PRO D 105 -17.61 7.41 -0.93
C PRO D 105 -18.37 8.67 -0.55
N GLU D 106 -17.67 9.80 -0.56
CA GLU D 106 -18.22 11.06 -0.04
C GLU D 106 -18.75 11.93 -1.17
N SER D 107 -17.98 12.06 -2.24
CA SER D 107 -18.36 12.92 -3.35
C SER D 107 -19.50 12.30 -4.15
N THR D 108 -20.34 13.17 -4.72
CA THR D 108 -21.46 12.71 -5.54
C THR D 108 -20.93 12.04 -6.79
N ARG D 109 -19.76 12.49 -7.25
CA ARG D 109 -19.13 11.92 -8.44
C ARG D 109 -18.73 10.48 -8.19
N GLU D 110 -18.01 10.26 -7.10
CA GLU D 110 -17.52 8.92 -6.77
C GLU D 110 -18.66 7.94 -6.52
N LEU D 111 -19.73 8.42 -5.90
CA LEU D 111 -20.93 7.61 -5.67
C LEU D 111 -21.54 7.15 -6.99
N GLY D 112 -21.57 8.05 -7.97
CA GLY D 112 -22.09 7.73 -9.28
C GLY D 112 -21.25 6.68 -9.98
N GLU D 113 -19.93 6.82 -9.88
CA GLU D 113 -19.00 5.87 -10.48
C GLU D 113 -19.17 4.49 -9.86
N LEU D 114 -19.26 4.45 -8.53
CA LEU D 114 -19.43 3.21 -7.81
C LEU D 114 -20.80 2.61 -8.15
N LEU D 115 -21.81 3.47 -8.15
CA LEU D 115 -23.17 3.07 -8.50
C LEU D 115 -23.20 2.44 -9.89
N GLY D 116 -22.43 3.01 -10.82
CA GLY D 116 -22.36 2.50 -12.18
C GLY D 116 -21.90 1.06 -12.22
N GLU D 117 -20.85 0.76 -11.47
CA GLU D 117 -20.30 -0.59 -11.41
C GLU D 117 -21.25 -1.53 -10.67
N ALA D 118 -21.84 -1.05 -9.60
CA ALA D 118 -22.78 -1.85 -8.80
C ALA D 118 -23.96 -2.28 -9.65
N ARG D 119 -24.36 -1.43 -10.59
CA ARG D 119 -25.45 -1.74 -11.50
C ARG D 119 -24.96 -2.71 -12.57
N TYR D 120 -23.71 -2.56 -12.98
CA TYR D 120 -23.11 -3.45 -13.96
C TYR D 120 -22.98 -4.88 -13.45
N TYR D 121 -22.50 -5.03 -12.22
CA TYR D 121 -22.32 -6.35 -11.61
C TYR D 121 -23.59 -6.86 -10.93
N LEU D 122 -24.65 -6.07 -11.01
CA LEU D 122 -25.96 -6.48 -10.49
C LEU D 122 -25.91 -6.78 -9.00
N VAL D 123 -25.27 -5.89 -8.23
CA VAL D 123 -25.21 -6.03 -6.79
C VAL D 123 -26.33 -5.22 -6.16
N GLN D 124 -27.50 -5.84 -6.04
CA GLN D 124 -28.72 -5.15 -5.62
C GLN D 124 -28.54 -4.35 -4.32
N GLY D 125 -27.93 -4.99 -3.33
CA GLY D 125 -27.73 -4.37 -2.04
C GLY D 125 -26.91 -3.10 -2.10
N LEU D 126 -25.86 -3.11 -2.93
CA LEU D 126 -24.99 -1.95 -3.05
C LEU D 126 -25.64 -0.82 -3.85
N ILE D 127 -26.43 -1.19 -4.85
CA ILE D 127 -27.18 -0.21 -5.64
C ILE D 127 -28.11 0.58 -4.72
N GLU D 128 -28.77 -0.14 -3.82
CA GLU D 128 -29.70 0.47 -2.88
C GLU D 128 -28.96 1.45 -1.96
N ASP D 129 -27.87 1.00 -1.37
CA ASP D 129 -27.08 1.83 -0.47
C ASP D 129 -26.58 3.09 -1.15
N CYS D 130 -26.11 2.96 -2.40
CA CYS D 130 -25.62 4.11 -3.15
C CYS D 130 -26.75 5.08 -3.49
N GLN D 131 -27.95 4.54 -3.70
CA GLN D 131 -29.11 5.36 -4.03
C GLN D 131 -29.55 6.20 -2.84
N LEU D 132 -29.59 5.58 -1.65
CA LEU D 132 -29.98 6.29 -0.44
C LEU D 132 -29.01 7.41 -0.11
N ALA D 133 -27.71 7.12 -0.25
CA ALA D 133 -26.67 8.10 0.03
C ALA D 133 -26.76 9.29 -0.91
N LEU D 134 -27.19 9.04 -2.16
CA LEU D 134 -27.26 10.10 -3.16
C LEU D 134 -28.44 11.03 -2.92
N GLN D 135 -29.57 10.49 -2.47
CA GLN D 135 -30.75 11.30 -2.20
C GLN D 135 -30.61 12.06 -0.89
N GLN D 136 -29.82 11.51 0.04
CA GLN D 136 -29.54 12.18 1.30
C GLN D 136 -28.69 13.42 1.05
N LYS D 137 -27.81 13.34 0.05
CA LYS D 137 -27.00 14.48 -0.35
C LYS D 137 -27.86 15.54 -1.04
N ARG D 138 -28.95 15.09 -1.65
CA ARG D 138 -29.87 16.00 -2.33
C ARG D 138 -30.71 16.77 -1.32
CL CL E . -1.62 19.01 6.72
CL CL F . -14.79 12.95 5.52
CL CL G . 1.93 20.56 16.87
CL CL H . -19.66 16.50 -4.00
#